data_6QQS
#
_entry.id   6QQS
#
_cell.length_a   74.357
_cell.length_b   79.028
_cell.length_c   85.537
_cell.angle_alpha   90.000
_cell.angle_beta   90.000
_cell.angle_gamma   90.000
#
_symmetry.space_group_name_H-M   'P 21 21 21'
#
loop_
_entity.id
_entity.type
_entity.pdbx_description
1 polymer 'tRNA (guanine-N(1)-)-methyltransferase'
2 non-polymer 3-(1~{H}-indol-6-yl)-1~{H}-pyrazol-5-amine
3 water water
#
_entity_poly.entity_id   1
_entity_poly.type   'polypeptide(L)'
_entity_poly.pdbx_seq_one_letter_code
;GSMKIDVVTIFPEYLQPVRQSLPGKAIDAGLVDVAVHDLRRWTHDVHKSVDDSPYGGGPGMVMKPTVWGDALDEICTSET
LLVVPTPAGYPFTQETAWQWSTEDHLVIACGRYEGIDQRVADDAATRMRVREVSIGDYVLNGGEAAALVIIEAVLRLVPG
VLGNALSAQEDSHSEGMASLLEGPSYTRPPSWRGMDVPPVLLSGDHAKIAAWRAEQSRQRTIERRPDLLGFDSPTGEHGG
DGLS
;
_entity_poly.pdbx_strand_id   A,B
#
loop_
_chem_comp.id
_chem_comp.type
_chem_comp.name
_chem_comp.formula
JCZ non-polymer 3-(1~{H}-indol-6-yl)-1~{H}-pyrazol-5-amine 'C11 H10 N4'
#
# COMPACT_ATOMS: atom_id res chain seq x y z
N SER A 2 15.23 -10.25 14.97
CA SER A 2 16.29 -10.55 14.02
C SER A 2 15.75 -10.87 12.64
N MET A 3 15.47 -9.85 11.84
CA MET A 3 14.93 -10.08 10.52
C MET A 3 15.76 -9.42 9.44
N LYS A 4 15.98 -10.15 8.35
CA LYS A 4 16.60 -9.61 7.17
C LYS A 4 15.57 -9.55 6.06
N ILE A 5 15.50 -8.41 5.38
CA ILE A 5 14.63 -8.28 4.22
C ILE A 5 15.46 -7.91 3.00
N ASP A 6 15.37 -8.73 1.97
CA ASP A 6 15.99 -8.41 0.68
C ASP A 6 14.88 -8.04 -0.31
N VAL A 7 15.03 -6.92 -0.99
CA VAL A 7 14.10 -6.54 -2.04
C VAL A 7 14.79 -6.57 -3.39
N VAL A 8 14.16 -7.19 -4.38
CA VAL A 8 14.73 -7.25 -5.73
C VAL A 8 13.83 -6.51 -6.70
N THR A 9 14.40 -5.59 -7.47
CA THR A 9 13.59 -4.67 -8.27
C THR A 9 14.43 -4.08 -9.38
N ILE A 10 13.81 -3.66 -10.48
CA ILE A 10 14.56 -2.91 -11.48
C ILE A 10 14.58 -1.42 -11.15
N PHE A 11 13.90 -1.04 -10.07
CA PHE A 11 13.96 0.35 -9.60
C PHE A 11 14.41 0.44 -8.14
N PRO A 12 15.68 0.11 -7.86
CA PRO A 12 16.15 0.10 -6.47
C PRO A 12 16.01 1.44 -5.76
N GLU A 13 16.07 2.52 -6.53
CA GLU A 13 15.97 3.86 -5.94
C GLU A 13 14.61 4.08 -5.26
N TYR A 14 13.58 3.36 -5.73
CA TYR A 14 12.22 3.49 -5.17
C TYR A 14 12.18 3.12 -3.68
N LEU A 15 13.06 2.21 -3.27
CA LEU A 15 13.04 1.69 -1.92
C LEU A 15 13.96 2.45 -0.96
N GLN A 16 14.79 3.34 -1.50
CA GLN A 16 15.77 4.08 -0.71
C GLN A 16 15.24 4.80 0.55
N PRO A 17 14.09 5.51 0.45
CA PRO A 17 13.56 6.17 1.64
C PRO A 17 13.31 5.23 2.81
N VAL A 18 12.69 4.07 2.55
CA VAL A 18 12.33 3.18 3.65
C VAL A 18 13.61 2.63 4.30
N ARG A 19 14.65 2.43 3.51
CA ARG A 19 15.92 1.98 4.05
C ARG A 19 16.44 3.00 5.06
N GLN A 20 16.39 4.28 4.67
CA GLN A 20 16.90 5.35 5.51
C GLN A 20 16.03 5.54 6.74
N SER A 21 14.73 5.28 6.57
CA SER A 21 13.75 5.50 7.64
C SER A 21 13.90 4.54 8.82
N LEU A 22 14.74 3.53 8.69
CA LEU A 22 14.97 2.59 9.78
C LEU A 22 15.79 3.22 10.90
N PRO A 23 15.37 2.99 12.15
CA PRO A 23 16.07 3.54 13.32
C PRO A 23 17.43 2.88 13.52
N GLY A 24 18.45 3.68 13.83
CA GLY A 24 19.80 3.17 14.00
C GLY A 24 19.92 2.15 15.12
N LYS A 25 19.15 2.35 16.18
CA LYS A 25 19.19 1.48 17.36
C LYS A 25 18.83 0.02 17.02
N ALA A 26 17.93 -0.16 16.06
CA ALA A 26 17.55 -1.50 15.64
C ALA A 26 18.58 -2.07 14.67
N ILE A 27 19.13 -1.21 13.82
CA ILE A 27 20.16 -1.63 12.89
C ILE A 27 21.45 -2.00 13.63
N ASP A 28 21.84 -1.14 14.56
CA ASP A 28 23.04 -1.36 15.36
C ASP A 28 22.91 -2.60 16.25
N ALA A 29 21.69 -2.83 16.76
CA ALA A 29 21.43 -4.03 17.55
C ALA A 29 21.32 -5.27 16.67
N GLY A 30 21.48 -5.10 15.37
CA GLY A 30 21.40 -6.19 14.43
C GLY A 30 20.03 -6.84 14.39
N LEU A 31 19.01 -6.07 14.77
CA LEU A 31 17.65 -6.60 14.86
C LEU A 31 16.94 -6.53 13.51
N VAL A 32 17.42 -5.66 12.62
CA VAL A 32 16.80 -5.51 11.30
C VAL A 32 17.81 -5.03 10.24
N ASP A 33 17.65 -5.55 9.03
CA ASP A 33 18.47 -5.14 7.90
C ASP A 33 17.64 -5.26 6.63
N VAL A 34 17.58 -4.17 5.87
CA VAL A 34 16.82 -4.15 4.63
C VAL A 34 17.80 -3.86 3.50
N ALA A 35 17.90 -4.78 2.56
CA ALA A 35 18.83 -4.62 1.46
C ALA A 35 18.08 -4.59 0.15
N VAL A 36 18.49 -3.71 -0.76
CA VAL A 36 17.79 -3.60 -2.03
C VAL A 36 18.75 -3.98 -3.16
N HIS A 37 18.28 -4.82 -4.08
CA HIS A 37 19.09 -5.33 -5.17
C HIS A 37 18.50 -5.00 -6.52
N ASP A 38 19.35 -4.54 -7.42
CA ASP A 38 18.97 -4.27 -8.79
C ASP A 38 18.90 -5.58 -9.56
N LEU A 39 17.71 -5.93 -10.04
CA LEU A 39 17.52 -7.17 -10.80
C LEU A 39 18.46 -7.27 -11.99
N ARG A 40 18.87 -6.14 -12.54
CA ARG A 40 19.68 -6.18 -13.75
C ARG A 40 21.09 -6.73 -13.48
N ARG A 41 21.44 -6.89 -12.22
CA ARG A 41 22.70 -7.52 -11.83
C ARG A 41 22.76 -8.98 -12.33
N TRP A 42 21.59 -9.56 -12.54
CA TRP A 42 21.47 -10.96 -12.95
C TRP A 42 21.06 -11.15 -14.40
N THR A 43 21.17 -10.10 -15.21
CA THR A 43 20.82 -10.25 -16.62
C THR A 43 21.97 -10.93 -17.37
N HIS A 44 21.67 -11.52 -18.52
CA HIS A 44 22.62 -12.36 -19.23
C HIS A 44 23.30 -11.67 -20.40
N ASP A 45 22.72 -10.55 -20.83
CA ASP A 45 23.11 -9.97 -22.11
C ASP A 45 23.54 -8.52 -21.99
N VAL A 46 24.20 -8.04 -23.03
CA VAL A 46 24.72 -6.70 -23.00
C VAL A 46 23.58 -5.67 -22.97
N HIS A 47 22.38 -6.09 -23.38
CA HIS A 47 21.22 -5.18 -23.37
C HIS A 47 20.49 -5.20 -22.02
N LYS A 48 20.99 -6.03 -21.10
CA LYS A 48 20.43 -6.17 -19.74
C LYS A 48 18.92 -6.36 -19.77
N SER A 49 18.49 -7.32 -20.59
CA SER A 49 17.06 -7.55 -20.80
C SER A 49 16.39 -8.24 -19.61
N VAL A 50 15.28 -7.68 -19.13
CA VAL A 50 14.55 -8.32 -18.03
C VAL A 50 13.15 -8.78 -18.44
N ASP A 51 12.75 -8.46 -19.67
CA ASP A 51 11.40 -8.79 -20.13
C ASP A 51 11.37 -9.30 -21.56
N ASP A 52 10.26 -9.91 -21.93
CA ASP A 52 10.13 -10.55 -23.24
C ASP A 52 8.63 -10.72 -23.53
N SER A 53 8.27 -11.03 -24.77
CA SER A 53 6.85 -11.06 -25.15
C SER A 53 6.11 -12.22 -24.51
N PRO A 54 4.81 -12.04 -24.23
CA PRO A 54 4.08 -13.13 -23.57
C PRO A 54 3.70 -14.25 -24.52
N TYR A 55 3.92 -15.49 -24.10
CA TYR A 55 3.39 -16.63 -24.84
C TYR A 55 1.87 -16.56 -24.89
N GLY A 56 1.30 -16.86 -26.05
CA GLY A 56 -0.15 -16.86 -26.20
C GLY A 56 -0.66 -15.48 -26.58
N GLY A 57 0.26 -14.52 -26.64
CA GLY A 57 -0.05 -13.18 -27.10
C GLY A 57 -0.55 -12.27 -25.99
N GLY A 58 -0.86 -11.05 -26.38
CA GLY A 58 -1.40 -10.10 -25.43
C GLY A 58 -0.56 -8.85 -25.34
N PRO A 59 -1.02 -7.89 -24.53
CA PRO A 59 -0.33 -6.63 -24.39
C PRO A 59 0.78 -6.73 -23.37
N GLY A 60 1.74 -5.82 -23.48
CA GLY A 60 2.79 -5.74 -22.49
C GLY A 60 3.78 -6.87 -22.61
N MET A 61 4.62 -6.96 -21.59
CA MET A 61 5.74 -7.88 -21.60
C MET A 61 5.72 -8.66 -20.28
N VAL A 62 6.44 -9.77 -20.25
CA VAL A 62 6.50 -10.62 -19.07
C VAL A 62 7.96 -10.67 -18.63
N MET A 63 8.22 -10.61 -17.32
CA MET A 63 9.63 -10.66 -16.90
C MET A 63 10.20 -12.07 -17.05
N LYS A 64 11.45 -12.13 -17.48
CA LYS A 64 12.12 -13.39 -17.84
C LYS A 64 12.39 -14.30 -16.66
N PRO A 65 12.04 -15.58 -16.80
CA PRO A 65 12.32 -16.51 -15.71
C PRO A 65 13.82 -16.75 -15.48
N THR A 66 14.63 -16.72 -16.53
CA THR A 66 16.06 -17.02 -16.35
C THR A 66 16.74 -15.99 -15.48
N VAL A 67 16.38 -14.72 -15.65
CA VAL A 67 16.94 -13.64 -14.86
C VAL A 67 16.50 -13.72 -13.39
N TRP A 68 15.20 -13.85 -13.17
CA TRP A 68 14.67 -13.99 -11.82
C TRP A 68 15.18 -15.24 -11.14
N GLY A 69 15.28 -16.33 -11.90
CA GLY A 69 15.76 -17.58 -11.35
C GLY A 69 17.16 -17.43 -10.77
N ASP A 70 18.06 -16.79 -11.51
CA ASP A 70 19.42 -16.55 -11.03
C ASP A 70 19.44 -15.64 -9.80
N ALA A 71 18.63 -14.59 -9.83
CA ALA A 71 18.57 -13.64 -8.71
C ALA A 71 18.16 -14.34 -7.41
N LEU A 72 17.05 -15.07 -7.47
CA LEU A 72 16.53 -15.78 -6.30
C LEU A 72 17.45 -16.91 -5.84
N ASP A 73 18.12 -17.56 -6.79
CA ASP A 73 19.10 -18.58 -6.47
C ASP A 73 20.19 -18.02 -5.56
N GLU A 74 20.63 -16.81 -5.86
CA GLU A 74 21.69 -16.19 -5.09
C GLU A 74 21.21 -15.69 -3.73
N ILE A 75 20.02 -15.11 -3.73
CA ILE A 75 19.55 -14.36 -2.55
C ILE A 75 18.81 -15.22 -1.53
N CYS A 76 18.06 -16.21 -2.00
CA CYS A 76 17.22 -17.01 -1.13
C CYS A 76 17.95 -18.19 -0.51
N THR A 77 17.47 -18.60 0.66
CA THR A 77 17.92 -19.83 1.28
C THR A 77 16.70 -20.68 1.58
N SER A 78 16.95 -21.82 2.20
CA SER A 78 15.87 -22.72 2.62
C SER A 78 14.92 -22.05 3.63
N GLU A 79 15.43 -21.09 4.41
CA GLU A 79 14.59 -20.45 5.43
C GLU A 79 13.79 -19.25 4.88
N THR A 80 14.04 -18.86 3.64
CA THR A 80 13.42 -17.67 3.07
C THR A 80 11.91 -17.80 2.90
N LEU A 81 11.21 -16.74 3.30
CA LEU A 81 9.83 -16.54 2.87
C LEU A 81 9.85 -15.60 1.67
N LEU A 82 9.52 -16.12 0.49
CA LEU A 82 9.52 -15.31 -0.73
C LEU A 82 8.16 -14.65 -0.94
N VAL A 83 8.16 -13.32 -0.90
CA VAL A 83 6.95 -12.52 -1.05
C VAL A 83 6.88 -11.94 -2.44
N VAL A 84 5.79 -12.20 -3.15
CA VAL A 84 5.65 -11.72 -4.52
C VAL A 84 4.39 -10.87 -4.64
N PRO A 85 4.54 -9.54 -4.61
CA PRO A 85 3.34 -8.72 -4.76
C PRO A 85 2.73 -8.88 -6.15
N THR A 86 1.41 -8.96 -6.21
CA THR A 86 0.70 -9.12 -7.48
C THR A 86 -0.78 -8.78 -7.24
N PRO A 87 -1.43 -8.16 -8.23
CA PRO A 87 -2.86 -7.86 -8.07
C PRO A 87 -3.68 -9.12 -7.94
N ALA A 88 -3.10 -10.24 -8.36
CA ALA A 88 -3.77 -11.53 -8.34
C ALA A 88 -3.44 -12.34 -7.10
N GLY A 89 -2.89 -11.69 -6.07
CA GLY A 89 -2.38 -12.41 -4.91
C GLY A 89 -3.46 -12.67 -3.87
N TYR A 90 -3.12 -13.50 -2.88
CA TYR A 90 -3.93 -13.61 -1.68
C TYR A 90 -3.87 -12.27 -0.96
N PRO A 91 -4.93 -11.93 -0.22
CA PRO A 91 -4.90 -10.60 0.43
C PRO A 91 -3.87 -10.53 1.55
N PHE A 92 -3.04 -9.48 1.51
CA PHE A 92 -2.15 -9.17 2.63
C PHE A 92 -2.94 -8.37 3.66
N THR A 93 -3.00 -8.87 4.88
CA THR A 93 -3.76 -8.23 5.94
C THR A 93 -2.89 -8.09 7.17
N GLN A 94 -3.45 -7.51 8.23
CA GLN A 94 -2.73 -7.34 9.47
C GLN A 94 -2.34 -8.71 10.03
N GLU A 95 -3.19 -9.71 9.83
CA GLU A 95 -2.88 -11.06 10.27
C GLU A 95 -1.61 -11.55 9.58
N THR A 96 -1.53 -11.29 8.28
CA THR A 96 -0.34 -11.61 7.51
C THR A 96 0.89 -10.90 8.04
N ALA A 97 0.75 -9.60 8.31
CA ALA A 97 1.86 -8.80 8.81
C ALA A 97 2.37 -9.38 10.14
N TRP A 98 1.46 -9.74 11.03
CA TRP A 98 1.86 -10.35 12.31
C TRP A 98 2.61 -11.65 12.09
N GLN A 99 2.08 -12.50 11.21
CA GLN A 99 2.75 -13.76 10.92
C GLN A 99 4.18 -13.54 10.40
N TRP A 100 4.33 -12.62 9.46
CA TRP A 100 5.62 -12.44 8.81
C TRP A 100 6.62 -11.70 9.69
N SER A 101 6.13 -11.05 10.75
CA SER A 101 6.99 -10.28 11.64
C SER A 101 7.95 -11.16 12.45
N THR A 102 7.69 -12.46 12.46
CA THR A 102 8.55 -13.39 13.20
C THR A 102 9.45 -14.18 12.26
N GLU A 103 9.44 -13.83 10.99
CA GLU A 103 10.32 -14.48 10.01
C GLU A 103 11.76 -13.98 10.12
N ASP A 104 12.73 -14.87 9.86
CA ASP A 104 14.13 -14.46 9.87
C ASP A 104 14.57 -13.83 8.54
N HIS A 105 13.95 -14.24 7.45
CA HIS A 105 14.38 -13.77 6.13
C HIS A 105 13.23 -13.65 5.14
N LEU A 106 12.91 -12.42 4.77
CA LEU A 106 11.92 -12.15 3.74
C LEU A 106 12.65 -11.69 2.51
N VAL A 107 12.25 -12.23 1.36
CA VAL A 107 12.72 -11.71 0.09
C VAL A 107 11.50 -11.23 -0.69
N ILE A 108 11.52 -9.97 -1.11
CA ILE A 108 10.37 -9.43 -1.84
C ILE A 108 10.72 -9.24 -3.31
N ALA A 109 10.06 -10.00 -4.18
CA ALA A 109 10.35 -9.94 -5.61
C ALA A 109 9.38 -8.97 -6.28
N CYS A 110 9.89 -7.80 -6.66
CA CYS A 110 9.03 -6.77 -7.24
C CYS A 110 8.96 -6.91 -8.75
N GLY A 111 7.77 -7.20 -9.25
CA GLY A 111 7.57 -7.27 -10.68
C GLY A 111 7.27 -5.93 -11.33
N ARG A 112 7.41 -5.88 -12.65
CA ARG A 112 6.97 -4.74 -13.46
C ARG A 112 6.31 -5.29 -14.73
N TYR A 113 6.00 -4.40 -15.67
CA TYR A 113 5.30 -4.79 -16.90
C TYR A 113 4.05 -5.59 -16.59
N GLU A 114 3.88 -6.75 -17.21
CA GLU A 114 2.71 -7.59 -16.92
C GLU A 114 3.00 -8.72 -15.94
N GLY A 115 4.06 -8.61 -15.16
CA GLY A 115 4.33 -9.58 -14.11
C GLY A 115 5.49 -10.51 -14.42
N ILE A 116 5.71 -11.49 -13.54
CA ILE A 116 6.85 -12.40 -13.65
C ILE A 116 6.39 -13.75 -14.19
N ASP A 117 7.16 -14.33 -15.11
CA ASP A 117 6.87 -15.68 -15.60
C ASP A 117 6.52 -16.60 -14.41
N GLN A 118 5.37 -17.26 -14.49
CA GLN A 118 4.82 -18.01 -13.36
C GLN A 118 5.75 -19.13 -12.88
N ARG A 119 6.65 -19.61 -13.75
CA ARG A 119 7.54 -20.70 -13.36
C ARG A 119 8.51 -20.26 -12.28
N VAL A 120 8.78 -18.96 -12.19
CA VAL A 120 9.71 -18.48 -11.18
C VAL A 120 9.18 -18.83 -9.79
N ALA A 121 7.94 -18.44 -9.49
CA ALA A 121 7.35 -18.72 -8.19
C ALA A 121 7.15 -20.22 -7.99
N ASP A 122 6.71 -20.90 -9.04
CA ASP A 122 6.43 -22.32 -8.95
C ASP A 122 7.73 -23.11 -8.65
N ASP A 123 8.81 -22.76 -9.34
CA ASP A 123 10.10 -23.37 -9.07
C ASP A 123 10.55 -23.07 -7.64
N ALA A 124 10.47 -21.82 -7.25
CA ALA A 124 10.91 -21.44 -5.91
C ALA A 124 10.14 -22.19 -4.83
N ALA A 125 8.85 -22.43 -5.09
CA ALA A 125 7.99 -23.06 -4.11
C ALA A 125 8.37 -24.51 -3.83
N THR A 126 9.23 -25.08 -4.67
CA THR A 126 9.68 -26.46 -4.44
C THR A 126 10.83 -26.51 -3.43
N ARG A 127 11.39 -25.37 -3.05
CA ARG A 127 12.44 -25.43 -2.03
C ARG A 127 12.37 -24.33 -0.96
N MET A 128 11.37 -23.46 -1.04
CA MET A 128 11.10 -22.47 0.01
C MET A 128 9.62 -22.09 0.04
N ARG A 129 9.20 -21.34 1.05
CA ARG A 129 7.82 -20.93 1.14
C ARG A 129 7.62 -19.69 0.28
N VAL A 130 6.54 -19.68 -0.51
CA VAL A 130 6.31 -18.58 -1.43
C VAL A 130 4.91 -18.01 -1.19
N ARG A 131 4.80 -16.69 -1.15
CA ARG A 131 3.52 -16.04 -0.89
C ARG A 131 3.24 -14.96 -1.91
N GLU A 132 2.30 -15.23 -2.81
CA GLU A 132 1.87 -14.23 -3.77
C GLU A 132 0.76 -13.40 -3.10
N VAL A 133 0.95 -12.09 -2.96
CA VAL A 133 -0.02 -11.31 -2.20
C VAL A 133 -0.36 -9.99 -2.85
N SER A 134 -1.59 -9.58 -2.61
CA SER A 134 -2.13 -8.29 -3.05
CA SER A 134 -2.08 -8.28 -3.04
C SER A 134 -2.31 -7.39 -1.82
N ILE A 135 -1.98 -6.11 -1.95
CA ILE A 135 -2.19 -5.19 -0.84
C ILE A 135 -3.51 -4.43 -0.91
N GLY A 136 -4.30 -4.67 -1.94
CA GLY A 136 -5.58 -3.96 -2.08
C GLY A 136 -6.14 -4.13 -3.48
N ASP A 137 -7.41 -3.78 -3.64
CA ASP A 137 -8.09 -3.99 -4.91
C ASP A 137 -7.93 -2.83 -5.87
N TYR A 138 -6.69 -2.57 -6.26
CA TYR A 138 -6.37 -1.52 -7.20
C TYR A 138 -5.13 -2.02 -7.87
N VAL A 139 -4.83 -1.48 -9.05
CA VAL A 139 -3.67 -1.90 -9.81
C VAL A 139 -2.57 -0.83 -9.79
N LEU A 140 -1.37 -1.27 -9.45
CA LEU A 140 -0.17 -0.42 -9.44
C LEU A 140 0.61 -0.66 -10.75
N ASN A 141 1.67 0.10 -10.98
CA ASN A 141 2.55 -0.13 -12.14
C ASN A 141 3.54 -1.27 -11.91
N GLY A 142 3.75 -1.61 -10.65
CA GLY A 142 4.74 -2.63 -10.30
C GLY A 142 4.70 -2.93 -8.81
N GLY A 143 5.56 -3.84 -8.37
CA GLY A 143 5.52 -4.30 -6.99
C GLY A 143 6.16 -3.38 -5.97
N GLU A 144 6.89 -2.35 -6.41
CA GLU A 144 7.68 -1.56 -5.48
C GLU A 144 6.82 -0.84 -4.40
N ALA A 145 5.72 -0.22 -4.79
CA ALA A 145 4.88 0.45 -3.80
C ALA A 145 4.32 -0.55 -2.81
N ALA A 146 3.99 -1.73 -3.31
CA ALA A 146 3.47 -2.79 -2.44
C ALA A 146 4.53 -3.27 -1.47
N ALA A 147 5.76 -3.34 -1.93
CA ALA A 147 6.87 -3.70 -1.05
C ALA A 147 7.04 -2.70 0.09
N LEU A 148 6.95 -1.41 -0.22
CA LEU A 148 7.04 -0.36 0.81
C LEU A 148 5.98 -0.56 1.86
N VAL A 149 4.76 -0.82 1.41
CA VAL A 149 3.64 -1.07 2.32
C VAL A 149 3.88 -2.29 3.20
N ILE A 150 4.31 -3.39 2.60
CA ILE A 150 4.52 -4.63 3.35
C ILE A 150 5.65 -4.46 4.35
N ILE A 151 6.72 -3.77 3.95
CA ILE A 151 7.87 -3.60 4.82
C ILE A 151 7.43 -2.77 6.04
N GLU A 152 6.67 -1.71 5.78
CA GLU A 152 6.24 -0.85 6.88
C GLU A 152 5.33 -1.62 7.83
N ALA A 153 4.32 -2.30 7.28
CA ALA A 153 3.31 -3.00 8.08
C ALA A 153 3.93 -4.13 8.91
N VAL A 154 4.91 -4.82 8.33
CA VAL A 154 5.56 -5.93 9.05
C VAL A 154 6.55 -5.43 10.10
N LEU A 155 7.43 -4.50 9.73
CA LEU A 155 8.52 -4.13 10.62
C LEU A 155 8.04 -3.39 11.86
N ARG A 156 6.89 -2.72 11.77
CA ARG A 156 6.42 -1.96 12.91
C ARG A 156 5.87 -2.90 13.98
N LEU A 157 5.72 -4.18 13.64
CA LEU A 157 5.32 -5.21 14.61
C LEU A 157 6.53 -5.94 15.20
N VAL A 158 7.72 -5.69 14.68
CA VAL A 158 8.93 -6.28 15.26
C VAL A 158 9.33 -5.37 16.40
N PRO A 159 9.32 -5.92 17.62
CA PRO A 159 9.58 -5.10 18.80
C PRO A 159 10.98 -4.46 18.72
N GLY A 160 11.05 -3.13 18.80
CA GLY A 160 12.33 -2.46 18.75
C GLY A 160 12.44 -1.50 17.58
N VAL A 161 11.87 -1.90 16.45
CA VAL A 161 11.78 -1.03 15.29
C VAL A 161 10.59 -0.09 15.49
N LEU A 180 -13.93 -3.82 14.42
CA LEU A 180 -14.48 -2.47 14.38
C LEU A 180 -13.40 -1.43 14.05
N LEU A 181 -13.79 -0.38 13.35
CA LEU A 181 -12.88 0.70 13.01
C LEU A 181 -12.63 1.61 14.21
N GLU A 182 -11.43 2.19 14.26
CA GLU A 182 -11.12 3.22 15.26
C GLU A 182 -11.98 4.44 15.03
N GLY A 183 -12.49 5.02 16.12
CA GLY A 183 -13.29 6.23 16.05
C GLY A 183 -12.43 7.48 15.98
N PRO A 184 -13.07 8.65 16.02
CA PRO A 184 -12.33 9.92 15.92
C PRO A 184 -11.47 10.19 17.14
N SER A 185 -10.39 10.93 16.93
CA SER A 185 -9.50 11.35 18.00
CA SER A 185 -9.53 11.35 18.02
C SER A 185 -9.47 12.87 18.06
N TYR A 186 -9.18 13.42 19.23
CA TYR A 186 -9.17 14.85 19.45
C TYR A 186 -8.03 15.25 20.34
N THR A 187 -7.52 16.46 20.16
CA THR A 187 -6.56 17.00 21.11
C THR A 187 -6.79 18.51 21.23
N ARG A 188 -5.90 19.20 21.94
CA ARG A 188 -6.07 20.65 22.12
C ARG A 188 -6.01 21.42 20.80
N PRO A 189 -6.72 22.56 20.71
CA PRO A 189 -7.55 23.22 21.73
C PRO A 189 -8.94 22.63 21.84
N PRO A 190 -9.64 22.86 22.98
CA PRO A 190 -10.95 22.23 23.18
C PRO A 190 -12.00 22.77 22.21
N SER A 191 -11.78 23.96 21.68
CA SER A 191 -12.64 24.52 20.66
CA SER A 191 -12.65 24.56 20.67
C SER A 191 -11.81 25.09 19.51
N TRP A 192 -12.20 24.73 18.30
CA TRP A 192 -11.43 25.13 17.11
C TRP A 192 -12.36 25.28 15.92
N ARG A 193 -12.35 26.48 15.33
CA ARG A 193 -13.18 26.83 14.18
C ARG A 193 -14.64 26.43 14.40
N GLY A 194 -15.13 26.67 15.62
CA GLY A 194 -16.53 26.49 15.93
C GLY A 194 -16.87 25.07 16.33
N MET A 195 -15.86 24.21 16.36
CA MET A 195 -16.07 22.81 16.70
C MET A 195 -15.43 22.46 18.06
N ASP A 196 -16.26 22.01 18.98
CA ASP A 196 -15.80 21.61 20.31
C ASP A 196 -15.48 20.13 20.38
N VAL A 197 -14.46 19.79 21.15
CA VAL A 197 -14.21 18.39 21.47
C VAL A 197 -15.42 17.85 22.21
N PRO A 198 -15.90 16.64 21.85
CA PRO A 198 -17.04 16.06 22.57
C PRO A 198 -16.84 16.10 24.06
N PRO A 199 -17.74 16.79 24.78
CA PRO A 199 -17.66 17.02 26.23
C PRO A 199 -17.40 15.76 27.02
N VAL A 200 -17.92 14.63 26.56
CA VAL A 200 -17.72 13.38 27.30
C VAL A 200 -16.24 13.06 27.50
N LEU A 201 -15.40 13.45 26.55
CA LEU A 201 -13.98 13.12 26.64
C LEU A 201 -13.29 13.92 27.75
N LEU A 202 -13.91 15.00 28.18
CA LEU A 202 -13.36 15.81 29.27
C LEU A 202 -14.09 15.56 30.59
N SER A 203 -14.92 14.53 30.63
CA SER A 203 -15.82 14.28 31.77
C SER A 203 -15.17 13.62 32.96
N GLY A 204 -14.04 12.96 32.77
CA GLY A 204 -13.45 12.19 33.84
C GLY A 204 -14.27 10.95 34.19
N ASP A 205 -15.23 10.58 33.35
CA ASP A 205 -15.98 9.35 33.55
C ASP A 205 -15.46 8.34 32.55
N HIS A 206 -14.50 7.54 32.97
CA HIS A 206 -13.75 6.81 31.98
C HIS A 206 -14.53 5.59 31.48
N ALA A 207 -15.47 5.10 32.28
CA ALA A 207 -16.33 4.02 31.82
C ALA A 207 -17.27 4.53 30.71
N LYS A 208 -17.78 5.75 30.89
CA LYS A 208 -18.67 6.35 29.90
C LYS A 208 -17.93 6.71 28.61
N ILE A 209 -16.71 7.20 28.78
CA ILE A 209 -15.86 7.51 27.63
C ILE A 209 -15.63 6.26 26.78
N ALA A 210 -15.35 5.14 27.45
CA ALA A 210 -15.15 3.89 26.74
C ALA A 210 -16.40 3.46 25.98
N ALA A 211 -17.57 3.61 26.59
CA ALA A 211 -18.83 3.29 25.94
C ALA A 211 -19.09 4.24 24.75
N TRP A 212 -18.75 5.52 24.90
CA TRP A 212 -18.93 6.49 23.83
C TRP A 212 -18.06 6.13 22.63
N ARG A 213 -16.81 5.77 22.92
CA ARG A 213 -15.87 5.42 21.86
C ARG A 213 -16.33 4.16 21.14
N ALA A 214 -16.88 3.20 21.88
CA ALA A 214 -17.41 1.99 21.29
C ALA A 214 -18.53 2.30 20.31
N GLU A 215 -19.42 3.21 20.70
CA GLU A 215 -20.55 3.58 19.83
C GLU A 215 -20.05 4.32 18.58
N GLN A 216 -19.06 5.20 18.74
CA GLN A 216 -18.48 5.89 17.59
C GLN A 216 -17.89 4.89 16.62
N SER A 217 -17.18 3.91 17.16
CA SER A 217 -16.58 2.83 16.39
CA SER A 217 -16.58 2.87 16.35
C SER A 217 -17.65 2.05 15.62
N ARG A 218 -18.73 1.71 16.32
CA ARG A 218 -19.82 0.96 15.70
C ARG A 218 -20.44 1.75 14.55
N GLN A 219 -20.71 3.03 14.78
CA GLN A 219 -21.35 3.85 13.74
C GLN A 219 -20.43 4.01 12.53
N ARG A 220 -19.15 4.25 12.79
CA ARG A 220 -18.20 4.41 11.71
C ARG A 220 -18.06 3.13 10.90
N THR A 221 -18.07 1.99 11.59
CA THR A 221 -17.92 0.70 10.91
C THR A 221 -19.14 0.44 10.03
N ILE A 222 -20.33 0.77 10.53
CA ILE A 222 -21.56 0.61 9.76
C ILE A 222 -21.52 1.46 8.50
N GLU A 223 -21.09 2.70 8.65
CA GLU A 223 -21.11 3.66 7.56
C GLU A 223 -20.06 3.37 6.50
N ARG A 224 -18.87 2.99 6.95
CA ARG A 224 -17.72 2.89 6.05
C ARG A 224 -17.32 1.47 5.64
N ARG A 225 -17.54 0.51 6.53
CA ARG A 225 -17.10 -0.86 6.30
C ARG A 225 -18.14 -1.88 6.73
N PRO A 226 -19.34 -1.83 6.13
CA PRO A 226 -20.39 -2.77 6.56
C PRO A 226 -19.98 -4.24 6.32
N ASP A 227 -18.97 -4.45 5.49
CA ASP A 227 -18.47 -5.78 5.22
C ASP A 227 -17.89 -6.42 6.49
N LEU A 228 -17.39 -5.60 7.41
CA LEU A 228 -16.79 -6.13 8.64
C LEU A 228 -17.84 -6.61 9.64
N LEU A 229 -19.10 -6.39 9.33
CA LEU A 229 -20.18 -6.77 10.24
C LEU A 229 -21.06 -7.86 9.63
N SER B 2 -4.99 17.05 -17.22
CA SER B 2 -4.26 17.98 -16.37
C SER B 2 -4.65 17.83 -14.91
N MET B 3 -3.75 17.28 -14.11
CA MET B 3 -4.00 17.10 -12.68
C MET B 3 -2.86 17.67 -11.83
N LYS B 4 -3.24 18.26 -10.70
CA LYS B 4 -2.26 18.67 -9.70
C LYS B 4 -2.46 17.83 -8.45
N ILE B 5 -1.35 17.32 -7.90
CA ILE B 5 -1.40 16.62 -6.63
C ILE B 5 -0.45 17.27 -5.62
N ASP B 6 -1.00 17.71 -4.49
CA ASP B 6 -0.20 18.20 -3.37
C ASP B 6 -0.22 17.18 -2.23
N VAL B 7 0.94 16.84 -1.69
CA VAL B 7 0.99 15.96 -0.53
C VAL B 7 1.53 16.75 0.66
N VAL B 8 0.87 16.66 1.80
CA VAL B 8 1.33 17.35 3.00
C VAL B 8 1.72 16.32 4.05
N THR B 9 2.91 16.48 4.60
CA THR B 9 3.52 15.46 5.44
C THR B 9 4.57 16.08 6.36
N ILE B 10 4.81 15.47 7.51
CA ILE B 10 5.97 15.89 8.30
C ILE B 10 7.24 15.15 7.87
N PHE B 11 7.12 14.24 6.91
CA PHE B 11 8.28 13.53 6.36
C PHE B 11 8.36 13.62 4.84
N PRO B 12 8.58 14.83 4.30
CA PRO B 12 8.62 15.01 2.84
C PRO B 12 9.67 14.16 2.12
N GLU B 13 10.77 13.84 2.79
CA GLU B 13 11.83 13.06 2.16
C GLU B 13 11.36 11.64 1.84
N TYR B 14 10.35 11.16 2.57
CA TYR B 14 9.82 9.84 2.33
C TYR B 14 9.19 9.76 0.95
N LEU B 15 8.76 10.90 0.41
CA LEU B 15 8.04 10.90 -0.86
C LEU B 15 8.90 11.08 -2.10
N GLN B 16 10.21 10.97 -1.96
CA GLN B 16 11.10 10.93 -3.13
C GLN B 16 10.76 9.82 -4.16
N PRO B 17 10.25 8.64 -3.71
CA PRO B 17 9.87 7.60 -4.68
C PRO B 17 8.89 7.98 -5.79
N VAL B 18 8.33 9.18 -5.78
CA VAL B 18 7.54 9.64 -6.93
C VAL B 18 8.46 9.97 -8.11
N ARG B 19 9.76 9.77 -7.90
CA ARG B 19 10.79 10.13 -8.88
C ARG B 19 10.72 11.62 -9.19
N GLY B 30 3.97 16.28 -18.34
CA GLY B 30 3.40 17.61 -18.42
C GLY B 30 1.90 17.64 -18.19
N LEU B 31 1.32 16.46 -18.00
CA LEU B 31 -0.11 16.34 -17.76
C LEU B 31 -0.43 16.41 -16.27
N VAL B 32 0.59 16.24 -15.45
CA VAL B 32 0.39 16.21 -14.01
C VAL B 32 1.63 16.70 -13.26
N ASP B 33 1.39 17.48 -12.21
CA ASP B 33 2.46 17.94 -11.34
C ASP B 33 2.19 17.44 -9.93
N VAL B 34 3.22 16.92 -9.28
CA VAL B 34 3.13 16.50 -7.89
C VAL B 34 4.04 17.35 -7.01
N ALA B 35 3.50 17.94 -5.96
CA ALA B 35 4.27 18.77 -5.07
C ALA B 35 4.16 18.26 -3.64
N VAL B 36 5.28 18.32 -2.90
CA VAL B 36 5.28 17.82 -1.54
C VAL B 36 5.58 18.95 -0.58
N HIS B 37 4.76 19.08 0.46
CA HIS B 37 4.90 20.18 1.42
C HIS B 37 5.16 19.68 2.83
N ASP B 38 6.14 20.27 3.47
CA ASP B 38 6.47 19.95 4.86
C ASP B 38 5.47 20.64 5.78
N LEU B 39 4.66 19.86 6.49
CA LEU B 39 3.63 20.39 7.38
C LEU B 39 4.22 21.38 8.38
N ARG B 40 5.47 21.15 8.78
CA ARG B 40 6.10 21.96 9.84
C ARG B 40 6.30 23.40 9.40
N ARG B 41 6.16 23.65 8.10
CA ARG B 41 6.23 25.00 7.56
C ARG B 41 5.13 25.92 8.12
N TRP B 42 4.04 25.34 8.61
CA TRP B 42 2.94 26.15 9.11
C TRP B 42 2.88 26.25 10.64
N THR B 43 3.95 25.80 11.30
CA THR B 43 4.08 26.01 12.74
C THR B 43 4.67 27.40 12.99
N HIS B 44 4.68 27.84 14.24
CA HIS B 44 5.11 29.21 14.55
C HIS B 44 6.22 29.28 15.60
N ASP B 45 5.99 28.74 16.79
CA ASP B 45 7.00 28.74 17.84
C ASP B 45 7.95 27.56 17.68
N VAL B 46 9.22 27.75 18.06
CA VAL B 46 10.26 26.75 17.86
C VAL B 46 9.94 25.40 18.48
N SER B 49 5.69 21.95 17.85
CA SER B 49 5.09 20.63 18.01
C SER B 49 3.83 20.52 17.18
N VAL B 50 3.73 19.46 16.38
CA VAL B 50 2.55 19.27 15.58
C VAL B 50 1.58 18.32 16.27
N ASP B 51 1.97 17.80 17.43
CA ASP B 51 1.18 16.76 18.10
C ASP B 51 0.96 17.05 19.58
N ASP B 52 -0.05 16.39 20.16
CA ASP B 52 -0.39 16.58 21.57
C ASP B 52 -1.12 15.32 22.05
N SER B 53 -1.24 15.15 23.36
CA SER B 53 -1.91 13.97 23.90
CA SER B 53 -1.90 13.98 23.91
C SER B 53 -3.40 13.99 23.61
N PRO B 54 -4.02 12.81 23.46
CA PRO B 54 -5.46 12.77 23.13
C PRO B 54 -6.38 13.09 24.28
N TYR B 55 -7.43 13.85 23.98
CA TYR B 55 -8.49 14.05 24.94
C TYR B 55 -9.18 12.72 25.21
N GLY B 56 -9.55 12.49 26.47
CA GLY B 56 -10.24 11.25 26.79
C GLY B 56 -9.31 10.09 27.07
N GLY B 57 -8.02 10.30 26.87
CA GLY B 57 -7.05 9.26 27.14
C GLY B 57 -6.74 8.40 25.94
N GLY B 58 -5.78 7.51 26.12
CA GLY B 58 -5.38 6.63 25.04
C GLY B 58 -3.90 6.76 24.82
N PRO B 59 -3.32 5.79 24.11
CA PRO B 59 -1.89 5.77 23.87
C PRO B 59 -1.52 6.74 22.78
N GLY B 60 -0.28 7.23 22.80
CA GLY B 60 0.24 7.98 21.68
C GLY B 60 -0.17 9.43 21.65
N MET B 61 0.00 10.02 20.48
CA MET B 61 -0.24 11.45 20.29
C MET B 61 -1.16 11.65 19.10
N VAL B 62 -1.80 12.81 19.07
CA VAL B 62 -2.70 13.17 17.98
C VAL B 62 -2.16 14.45 17.33
N MET B 63 -2.25 14.55 16.01
CA MET B 63 -1.80 15.77 15.35
C MET B 63 -2.79 16.89 15.58
N LYS B 64 -2.29 18.03 16.04
CA LYS B 64 -3.11 19.19 16.35
C LYS B 64 -3.81 19.72 15.12
N PRO B 65 -5.06 20.17 15.29
CA PRO B 65 -5.82 20.70 14.15
C PRO B 65 -5.30 22.06 13.66
N THR B 66 -4.73 22.85 14.56
CA THR B 66 -4.36 24.23 14.23
C THR B 66 -3.39 24.31 13.06
N VAL B 67 -2.30 23.54 13.14
CA VAL B 67 -1.28 23.54 12.10
C VAL B 67 -1.84 23.00 10.77
N TRP B 68 -2.65 21.96 10.84
CA TRP B 68 -3.26 21.39 9.64
C TRP B 68 -4.19 22.39 8.96
N GLY B 69 -4.99 23.08 9.76
CA GLY B 69 -5.92 24.08 9.24
C GLY B 69 -5.22 25.16 8.44
N ASP B 70 -4.12 25.67 8.99
CA ASP B 70 -3.35 26.69 8.28
C ASP B 70 -2.77 26.15 6.97
N ALA B 71 -2.19 24.96 7.02
CA ALA B 71 -1.61 24.34 5.82
C ALA B 71 -2.65 24.17 4.72
N LEU B 72 -3.80 23.61 5.08
CA LEU B 72 -4.85 23.32 4.10
C LEU B 72 -5.52 24.59 3.60
N ASP B 73 -5.57 25.62 4.43
CA ASP B 73 -6.11 26.92 4.01
C ASP B 73 -5.32 27.47 2.82
N GLU B 74 -4.02 27.26 2.84
CA GLU B 74 -3.13 27.80 1.83
C GLU B 74 -3.15 26.95 0.55
N ILE B 75 -3.27 25.64 0.72
CA ILE B 75 -3.11 24.69 -0.36
C ILE B 75 -4.42 24.31 -1.07
N CYS B 76 -5.53 24.32 -0.32
CA CYS B 76 -6.81 23.87 -0.87
C CYS B 76 -7.69 25.00 -1.40
N THR B 77 -8.53 24.64 -2.38
CA THR B 77 -9.62 25.50 -2.81
C THR B 77 -10.94 24.73 -2.69
N SER B 78 -12.06 25.36 -3.04
CA SER B 78 -13.34 24.68 -2.94
C SER B 78 -13.46 23.53 -3.94
N GLU B 79 -12.62 23.55 -4.98
CA GLU B 79 -12.62 22.51 -6.00
C GLU B 79 -11.77 21.30 -5.61
N THR B 80 -10.99 21.45 -4.55
CA THR B 80 -10.04 20.42 -4.12
C THR B 80 -10.71 19.16 -3.62
N LEU B 81 -10.20 18.02 -4.05
CA LEU B 81 -10.52 16.75 -3.40
C LEU B 81 -9.47 16.46 -2.34
N LEU B 82 -9.89 16.56 -1.08
CA LEU B 82 -9.00 16.32 0.04
C LEU B 82 -9.03 14.85 0.41
N VAL B 83 -7.89 14.19 0.25
CA VAL B 83 -7.73 12.76 0.52
C VAL B 83 -6.97 12.56 1.83
N VAL B 84 -7.56 11.80 2.75
CA VAL B 84 -6.93 11.58 4.05
C VAL B 84 -6.80 10.08 4.29
N PRO B 85 -5.60 9.52 4.06
CA PRO B 85 -5.38 8.11 4.38
C PRO B 85 -5.60 7.82 5.86
N THR B 86 -6.30 6.73 6.16
CA THR B 86 -6.52 6.30 7.53
C THR B 86 -7.01 4.85 7.55
N PRO B 87 -6.59 4.07 8.56
CA PRO B 87 -7.06 2.67 8.62
C PRO B 87 -8.57 2.58 8.79
N ALA B 88 -9.18 3.66 9.25
CA ALA B 88 -10.62 3.69 9.46
C ALA B 88 -11.37 4.30 8.28
N GLY B 89 -10.73 4.40 7.12
CA GLY B 89 -11.36 5.10 6.00
C GLY B 89 -12.27 4.21 5.18
N TYR B 90 -13.05 4.82 4.28
CA TYR B 90 -13.72 4.06 3.23
C TYR B 90 -12.65 3.34 2.38
N PRO B 91 -12.99 2.15 1.85
CA PRO B 91 -12.00 1.46 1.01
C PRO B 91 -11.62 2.23 -0.27
N PHE B 92 -10.32 2.39 -0.49
CA PHE B 92 -9.80 2.86 -1.76
C PHE B 92 -9.68 1.67 -2.69
N THR B 93 -10.42 1.69 -3.80
CA THR B 93 -10.40 0.60 -4.77
C THR B 93 -10.12 1.09 -6.19
N GLN B 94 -10.07 0.16 -7.13
CA GLN B 94 -9.85 0.53 -8.52
C GLN B 94 -10.93 1.50 -9.01
N GLU B 95 -12.16 1.30 -8.55
CA GLU B 95 -13.25 2.22 -8.89
C GLU B 95 -12.91 3.62 -8.40
N THR B 96 -12.42 3.73 -7.16
CA THR B 96 -12.00 5.01 -6.62
C THR B 96 -10.91 5.65 -7.48
N ALA B 97 -9.96 4.82 -7.91
CA ALA B 97 -8.85 5.34 -8.70
C ALA B 97 -9.37 5.95 -10.00
N TRP B 98 -10.30 5.25 -10.66
CA TRP B 98 -10.89 5.75 -11.90
C TRP B 98 -11.59 7.07 -11.63
N GLN B 99 -12.29 7.13 -10.51
CA GLN B 99 -13.03 8.34 -10.18
C GLN B 99 -12.08 9.50 -9.95
N TRP B 100 -11.00 9.27 -9.20
CA TRP B 100 -10.09 10.36 -8.87
C TRP B 100 -9.20 10.74 -10.05
N SER B 101 -9.13 9.86 -11.05
CA SER B 101 -8.29 10.12 -12.21
C SER B 101 -8.83 11.29 -13.05
N THR B 102 -10.11 11.64 -12.84
CA THR B 102 -10.71 12.75 -13.55
C THR B 102 -10.62 14.09 -12.81
N GLU B 103 -10.01 14.10 -11.62
CA GLU B 103 -9.96 15.31 -10.79
C GLU B 103 -8.85 16.28 -11.20
N ASP B 104 -9.12 17.58 -11.04
CA ASP B 104 -8.15 18.62 -11.33
C ASP B 104 -7.11 18.77 -10.22
N HIS B 105 -7.54 18.61 -8.97
CA HIS B 105 -6.67 18.87 -7.82
C HIS B 105 -6.91 17.91 -6.66
N LEU B 106 -5.94 17.07 -6.39
CA LEU B 106 -5.97 16.21 -5.20
C LEU B 106 -5.02 16.77 -4.17
N VAL B 107 -5.46 16.81 -2.91
CA VAL B 107 -4.54 17.10 -1.82
C VAL B 107 -4.56 15.92 -0.87
N ILE B 108 -3.39 15.37 -0.61
CA ILE B 108 -3.32 14.21 0.28
C ILE B 108 -2.68 14.62 1.61
N ALA B 109 -3.47 14.49 2.67
CA ALA B 109 -3.00 14.85 4.01
C ALA B 109 -2.53 13.61 4.74
N CYS B 110 -1.20 13.51 4.92
CA CYS B 110 -0.59 12.33 5.53
C CYS B 110 -0.45 12.50 7.03
N GLY B 111 -1.12 11.63 7.77
CA GLY B 111 -1.00 11.65 9.23
C GLY B 111 0.22 10.87 9.69
N ARG B 112 0.65 11.16 10.91
CA ARG B 112 1.63 10.36 11.64
C ARG B 112 1.10 10.22 13.06
N TYR B 113 1.93 9.72 13.97
CA TYR B 113 1.51 9.49 15.36
C TYR B 113 0.27 8.59 15.37
N GLU B 114 -0.74 8.93 16.16
CA GLU B 114 -1.96 8.15 16.17
C GLU B 114 -3.04 8.79 15.32
N GLY B 115 -2.65 9.66 14.40
CA GLY B 115 -3.62 10.25 13.49
C GLY B 115 -3.83 11.73 13.67
N ILE B 116 -4.82 12.26 12.96
CA ILE B 116 -5.11 13.68 12.94
C ILE B 116 -6.42 13.97 13.66
N ASP B 117 -6.42 15.02 14.47
CA ASP B 117 -7.65 15.52 15.09
C ASP B 117 -8.82 15.52 14.10
N GLN B 118 -9.94 14.90 14.47
CA GLN B 118 -11.04 14.72 13.52
C GLN B 118 -11.59 16.03 12.96
N ARG B 119 -11.39 17.12 13.68
CA ARG B 119 -11.97 18.39 13.26
C ARG B 119 -11.32 18.95 12.00
N VAL B 120 -10.10 18.51 11.72
CA VAL B 120 -9.45 18.94 10.48
C VAL B 120 -10.29 18.52 9.27
N ALA B 121 -10.63 17.24 9.22
CA ALA B 121 -11.44 16.75 8.12
C ALA B 121 -12.84 17.35 8.15
N ASP B 122 -13.44 17.43 9.34
CA ASP B 122 -14.80 17.99 9.45
C ASP B 122 -14.85 19.46 9.00
N ASP B 123 -13.88 20.26 9.44
CA ASP B 123 -13.76 21.65 8.99
C ASP B 123 -13.59 21.75 7.50
N ALA B 124 -12.68 20.95 6.95
CA ALA B 124 -12.42 21.01 5.51
C ALA B 124 -13.68 20.67 4.73
N ALA B 125 -14.49 19.77 5.29
CA ALA B 125 -15.66 19.29 4.56
C ALA B 125 -16.72 20.38 4.44
N THR B 126 -16.59 21.45 5.22
CA THR B 126 -17.50 22.58 5.06
C THR B 126 -17.15 23.41 3.82
N ARG B 127 -15.95 23.25 3.28
CA ARG B 127 -15.52 24.07 2.14
C ARG B 127 -15.24 23.26 0.87
N MET B 128 -14.94 21.98 1.03
CA MET B 128 -14.50 21.15 -0.09
C MET B 128 -14.94 19.69 0.12
N ARG B 129 -14.79 18.88 -0.91
CA ARG B 129 -15.03 17.44 -0.78
C ARG B 129 -13.86 16.78 -0.05
N VAL B 130 -14.18 15.90 0.91
CA VAL B 130 -13.17 15.21 1.71
C VAL B 130 -13.40 13.71 1.63
N ARG B 131 -12.34 12.95 1.47
CA ARG B 131 -12.43 11.49 1.41
C ARG B 131 -11.43 10.86 2.36
N GLU B 132 -11.92 10.31 3.46
CA GLU B 132 -11.05 9.51 4.33
C GLU B 132 -11.03 8.09 3.79
N VAL B 133 -9.85 7.56 3.47
CA VAL B 133 -9.78 6.27 2.79
C VAL B 133 -8.69 5.37 3.34
N SER B 134 -9.00 4.07 3.30
CA SER B 134 -8.05 3.03 3.66
CA SER B 134 -8.03 3.06 3.66
C SER B 134 -7.55 2.33 2.41
N ILE B 135 -6.25 2.05 2.32
CA ILE B 135 -5.75 1.33 1.15
C ILE B 135 -5.71 -0.18 1.40
N GLY B 136 -6.13 -0.62 2.59
CA GLY B 136 -6.08 -2.04 2.90
C GLY B 136 -6.13 -2.33 4.39
N ASP B 137 -6.42 -3.57 4.74
CA ASP B 137 -6.68 -3.89 6.15
C ASP B 137 -5.41 -4.28 6.87
N TYR B 138 -4.48 -3.33 6.94
CA TYR B 138 -3.22 -3.47 7.67
C TYR B 138 -2.90 -2.08 8.17
N VAL B 139 -2.02 -1.98 9.15
CA VAL B 139 -1.73 -0.67 9.74
C VAL B 139 -0.33 -0.21 9.36
N LEU B 140 -0.26 1.00 8.82
CA LEU B 140 1.01 1.63 8.48
C LEU B 140 1.49 2.54 9.62
N ASN B 141 2.69 3.07 9.48
CA ASN B 141 3.23 4.03 10.45
C ASN B 141 2.71 5.44 10.22
N GLY B 142 2.19 5.68 9.02
CA GLY B 142 1.73 7.00 8.65
C GLY B 142 1.09 6.98 7.28
N GLY B 143 0.58 8.12 6.84
CA GLY B 143 -0.14 8.20 5.58
C GLY B 143 0.73 8.23 4.32
N GLU B 144 2.04 8.41 4.48
CA GLU B 144 2.93 8.60 3.35
C GLU B 144 2.97 7.41 2.39
N ALA B 145 3.09 6.19 2.91
CA ALA B 145 3.09 5.03 2.01
C ALA B 145 1.76 4.88 1.28
N ALA B 146 0.66 5.21 1.96
CA ALA B 146 -0.65 5.15 1.32
C ALA B 146 -0.75 6.22 0.24
N ALA B 147 -0.13 7.38 0.48
CA ALA B 147 -0.12 8.43 -0.52
C ALA B 147 0.58 7.94 -1.78
N LEU B 148 1.70 7.23 -1.62
CA LEU B 148 2.43 6.74 -2.78
C LEU B 148 1.59 5.75 -3.57
N VAL B 149 0.89 4.88 -2.84
CA VAL B 149 0.02 3.88 -3.46
C VAL B 149 -1.12 4.56 -4.24
N ILE B 150 -1.78 5.52 -3.60
CA ILE B 150 -2.89 6.24 -4.24
C ILE B 150 -2.43 6.98 -5.49
N ILE B 151 -1.31 7.70 -5.38
CA ILE B 151 -0.78 8.47 -6.50
C ILE B 151 -0.48 7.55 -7.68
N GLU B 152 0.16 6.42 -7.40
CA GLU B 152 0.48 5.50 -8.48
C GLU B 152 -0.77 4.92 -9.15
N ALA B 153 -1.72 4.48 -8.33
CA ALA B 153 -2.92 3.83 -8.84
C ALA B 153 -3.78 4.81 -9.65
N VAL B 154 -3.78 6.07 -9.24
CA VAL B 154 -4.56 7.10 -9.94
C VAL B 154 -3.87 7.63 -11.21
N LEU B 155 -2.59 8.00 -11.10
CA LEU B 155 -1.93 8.67 -12.21
C LEU B 155 -1.80 7.79 -13.44
N ARG B 156 -1.72 6.48 -13.24
CA ARG B 156 -1.61 5.60 -14.38
C ARG B 156 -2.92 5.54 -15.19
N LEU B 157 -4.01 6.05 -14.61
CA LEU B 157 -5.28 6.07 -15.30
C LEU B 157 -5.55 7.41 -15.99
N VAL B 158 -4.75 8.42 -15.66
CA VAL B 158 -4.98 9.77 -16.22
C VAL B 158 -4.78 9.76 -17.73
N PRO B 159 -5.76 10.32 -18.48
CA PRO B 159 -5.67 10.27 -19.94
C PRO B 159 -4.34 10.82 -20.46
N GLY B 160 -3.65 10.04 -21.29
CA GLY B 160 -2.36 10.45 -21.80
C GLY B 160 -1.18 9.90 -21.02
N VAL B 161 -1.44 9.39 -19.82
CA VAL B 161 -0.38 8.82 -18.99
C VAL B 161 -0.33 7.29 -19.12
N SER B 179 -13.38 -7.57 -10.35
CA SER B 179 -13.83 -8.40 -11.46
C SER B 179 -13.34 -9.83 -11.31
N LEU B 180 -12.23 -10.14 -11.97
CA LEU B 180 -11.58 -11.45 -11.87
C LEU B 180 -10.07 -11.23 -11.75
N LEU B 181 -9.38 -12.23 -11.21
CA LEU B 181 -7.93 -12.16 -11.09
C LEU B 181 -7.27 -12.59 -12.38
N GLU B 182 -6.17 -11.92 -12.74
CA GLU B 182 -5.38 -12.33 -13.91
C GLU B 182 -4.71 -13.67 -13.63
N GLY B 183 -4.66 -14.51 -14.65
CA GLY B 183 -4.03 -15.82 -14.56
C GLY B 183 -2.52 -15.70 -14.76
N PRO B 184 -1.82 -16.84 -14.79
CA PRO B 184 -0.36 -16.83 -14.93
C PRO B 184 0.06 -16.41 -16.33
N SER B 185 1.25 -15.79 -16.41
CA SER B 185 1.85 -15.38 -17.68
CA SER B 185 1.82 -15.43 -17.71
C SER B 185 3.17 -16.11 -17.88
N TYR B 186 3.60 -16.27 -19.13
CA TYR B 186 4.85 -16.96 -19.45
C TYR B 186 5.54 -16.28 -20.60
N THR B 187 6.86 -16.42 -20.64
CA THR B 187 7.65 -15.98 -21.79
C THR B 187 8.80 -16.95 -22.02
N ARG B 188 9.71 -16.65 -22.95
CA ARG B 188 10.75 -17.60 -23.34
C ARG B 188 11.79 -17.85 -22.22
N PRO B 189 12.39 -19.06 -22.17
CA PRO B 189 12.24 -20.20 -23.10
C PRO B 189 11.02 -21.08 -22.79
N PRO B 190 10.60 -21.90 -23.76
CA PRO B 190 9.37 -22.70 -23.60
C PRO B 190 9.52 -23.81 -22.56
N SER B 191 10.77 -24.19 -22.28
CA SER B 191 11.04 -25.16 -21.22
C SER B 191 12.16 -24.58 -20.37
N TRP B 192 11.96 -24.56 -19.05
CA TRP B 192 12.93 -23.96 -18.14
C TRP B 192 12.97 -24.76 -16.83
N ARG B 193 14.14 -25.25 -16.49
CA ARG B 193 14.32 -26.10 -15.30
C ARG B 193 13.35 -27.27 -15.32
N GLY B 194 13.06 -27.79 -16.51
CA GLY B 194 12.14 -28.90 -16.65
C GLY B 194 10.68 -28.52 -16.45
N MET B 195 10.38 -27.21 -16.44
CA MET B 195 8.99 -26.74 -16.38
C MET B 195 8.58 -26.14 -17.72
N ASP B 196 7.51 -26.69 -18.31
CA ASP B 196 7.09 -26.29 -19.64
C ASP B 196 5.98 -25.25 -19.60
N VAL B 197 6.05 -24.28 -20.51
CA VAL B 197 4.91 -23.41 -20.74
C VAL B 197 3.71 -24.26 -21.18
N PRO B 198 2.51 -23.98 -20.65
CA PRO B 198 1.31 -24.72 -21.05
C PRO B 198 1.21 -24.76 -22.56
N PRO B 199 1.12 -25.97 -23.14
CA PRO B 199 1.18 -26.17 -24.60
C PRO B 199 0.16 -25.32 -25.36
N VAL B 200 -1.01 -25.08 -24.79
CA VAL B 200 -2.04 -24.30 -25.46
C VAL B 200 -1.51 -22.89 -25.82
N LEU B 201 -0.63 -22.35 -25.00
CA LEU B 201 -0.10 -21.01 -25.24
C LEU B 201 0.85 -20.95 -26.43
N LEU B 202 1.37 -22.12 -26.82
CA LEU B 202 2.26 -22.22 -27.97
C LEU B 202 1.51 -22.63 -29.23
N SER B 203 0.21 -22.87 -29.09
CA SER B 203 -0.59 -23.42 -30.17
C SER B 203 -1.06 -22.39 -31.19
N GLY B 204 -1.05 -21.12 -30.82
CA GLY B 204 -1.51 -20.06 -31.71
C GLY B 204 -3.01 -20.06 -31.96
N ASP B 205 -3.74 -20.88 -31.22
CA ASP B 205 -5.19 -20.95 -31.34
C ASP B 205 -5.84 -19.94 -30.39
N HIS B 206 -6.25 -18.79 -30.93
CA HIS B 206 -6.72 -17.68 -30.10
C HIS B 206 -7.90 -18.07 -29.21
N ALA B 207 -8.83 -18.86 -29.75
CA ALA B 207 -10.00 -19.28 -29.00
C ALA B 207 -9.65 -20.22 -27.86
N LYS B 208 -8.79 -21.20 -28.13
CA LYS B 208 -8.34 -22.12 -27.09
C LYS B 208 -7.54 -21.40 -26.02
N ILE B 209 -6.70 -20.45 -26.42
CA ILE B 209 -5.90 -19.68 -25.46
C ILE B 209 -6.79 -18.82 -24.58
N ALA B 210 -7.79 -18.18 -25.19
CA ALA B 210 -8.74 -17.35 -24.44
C ALA B 210 -9.51 -18.18 -23.41
N ALA B 211 -9.95 -19.37 -23.82
CA ALA B 211 -10.68 -20.25 -22.92
C ALA B 211 -9.80 -20.75 -21.78
N TRP B 212 -8.56 -21.08 -22.09
CA TRP B 212 -7.63 -21.56 -21.07
C TRP B 212 -7.34 -20.44 -20.06
N ARG B 213 -7.11 -19.23 -20.55
CA ARG B 213 -6.84 -18.09 -19.67
C ARG B 213 -8.04 -17.73 -18.80
N ALA B 214 -9.24 -17.89 -19.35
CA ALA B 214 -10.46 -17.63 -18.59
C ALA B 214 -10.59 -18.66 -17.46
N GLU B 215 -10.33 -19.93 -17.79
CA GLU B 215 -10.35 -21.01 -16.81
C GLU B 215 -9.31 -20.79 -15.70
N GLN B 216 -8.11 -20.39 -16.09
CA GLN B 216 -7.06 -20.15 -15.10
C GLN B 216 -7.45 -19.02 -14.16
N SER B 217 -8.06 -18.00 -14.74
CA SER B 217 -8.50 -16.83 -13.99
CA SER B 217 -8.48 -16.84 -13.97
C SER B 217 -9.59 -17.21 -12.99
N ARG B 218 -10.55 -18.02 -13.44
CA ARG B 218 -11.64 -18.46 -12.57
C ARG B 218 -11.08 -19.31 -11.42
N GLN B 219 -10.16 -20.21 -11.75
CA GLN B 219 -9.54 -21.08 -10.77
C GLN B 219 -8.78 -20.24 -9.71
N ARG B 220 -8.01 -19.27 -10.18
CA ARG B 220 -7.23 -18.46 -9.28
C ARG B 220 -8.12 -17.59 -8.40
N THR B 221 -9.21 -17.09 -8.98
CA THR B 221 -10.11 -16.20 -8.23
C THR B 221 -10.81 -16.99 -7.12
N ILE B 222 -11.26 -18.20 -7.43
CA ILE B 222 -11.91 -19.05 -6.42
C ILE B 222 -10.95 -19.39 -5.27
N GLU B 223 -9.71 -19.72 -5.62
CA GLU B 223 -8.69 -20.06 -4.64
C GLU B 223 -8.28 -18.88 -3.76
N ARG B 224 -7.98 -17.75 -4.39
CA ARG B 224 -7.38 -16.63 -3.69
C ARG B 224 -8.33 -15.55 -3.24
N ARG B 225 -9.39 -15.29 -4.03
CA ARG B 225 -10.30 -14.19 -3.73
C ARG B 225 -11.75 -14.61 -3.92
N PRO B 226 -12.21 -15.59 -3.12
CA PRO B 226 -13.56 -16.11 -3.39
C PRO B 226 -14.63 -15.04 -3.20
N ASP B 227 -14.30 -14.00 -2.43
CA ASP B 227 -15.23 -12.90 -2.22
C ASP B 227 -15.59 -12.20 -3.53
N LEU B 228 -14.66 -12.17 -4.49
CA LEU B 228 -14.91 -11.49 -5.77
C LEU B 228 -16.02 -12.16 -6.55
N LEU B 229 -16.23 -13.44 -6.29
CA LEU B 229 -17.28 -14.19 -6.99
C LEU B 229 -18.48 -14.45 -6.08
N GLY B 230 -18.51 -13.76 -4.95
CA GLY B 230 -19.63 -13.84 -4.04
C GLY B 230 -19.65 -15.07 -3.16
N PHE B 231 -18.46 -15.56 -2.79
CA PHE B 231 -18.38 -16.69 -1.86
C PHE B 231 -17.75 -16.27 -0.56
N ASP B 232 -17.86 -17.13 0.45
CA ASP B 232 -17.34 -16.79 1.77
C ASP B 232 -15.81 -16.75 1.75
N SER B 233 -15.25 -15.84 2.54
CA SER B 233 -13.80 -15.75 2.70
C SER B 233 -13.34 -16.81 3.71
N PRO B 234 -12.08 -17.26 3.58
CA PRO B 234 -11.58 -18.32 4.47
C PRO B 234 -11.60 -17.93 5.95
C10 JCZ C . 3.89 -5.90 -11.60
N12 JCZ C . 2.16 -4.66 -12.17
C13 JCZ C . 3.19 -6.20 -9.09
C15 JCZ C . -0.34 -5.32 -6.47
N01 JCZ C . -2.28 -4.95 -4.88
C02 JCZ C . -1.53 -4.71 -6.06
N03 JCZ C . -1.86 -3.80 -7.02
N04 JCZ C . -0.94 -3.82 -7.99
C05 JCZ C . -0.01 -4.71 -7.67
C06 JCZ C . 1.13 -5.05 -8.59
C07 JCZ C . 1.01 -4.61 -9.90
C08 JCZ C . 2.02 -4.96 -10.84
C09 JCZ C . 3.09 -5.74 -10.44
C11 JCZ C . 3.28 -5.22 -12.64
C14 JCZ C . 2.21 -5.87 -8.17
C10 JCZ D . -1.27 8.04 10.56
N12 JCZ D . -0.85 5.97 11.24
C13 JCZ D . -2.44 7.31 8.30
C15 JCZ D . -3.91 3.54 6.37
N01 JCZ D . -4.93 1.60 5.11
C02 JCZ D . -4.04 2.19 6.07
N03 JCZ D . -3.17 1.51 6.89
N04 JCZ D . -2.52 2.43 7.66
C05 JCZ D . -2.92 3.64 7.33
C06 JCZ D . -2.49 4.91 8.04
C07 JCZ D . -1.86 4.73 9.27
C08 JCZ D . -1.49 5.87 10.03
C09 JCZ D . -1.78 7.13 9.55
C11 JCZ D . -0.71 7.26 11.57
C14 JCZ D . -2.80 6.18 7.56
#